data_9F6G
#
_entry.id   9F6G
#
_cell.length_a   46.639
_cell.length_b   50.706
_cell.length_c   156.560
_cell.angle_alpha   90.000
_cell.angle_beta   90.000
_cell.angle_gamma   90.000
#
_symmetry.space_group_name_H-M   'P 21 21 21'
#
loop_
_entity.id
_entity.type
_entity.pdbx_description
1 polymer 'Ubiquitin carboxyl-terminal hydrolase 30,Ubiquitin carboxyl-terminal hydrolase 14,Ubiquitin carboxyl-terminal hydrolase 35'
2 polymer Polyubiquitin-B
3 non-polymer prop-2-en-1-amine
4 water water
#
loop_
_entity_poly.entity_id
_entity_poly.type
_entity_poly.pdbx_seq_one_letter_code
_entity_poly.pdbx_strand_id
1 'polypeptide(L)'
;GPKGLVPGLVNLGNTCFMNSLLQGLSACPAFIRWLEEFTSQYSRDQKEPPSHQYLSLTLLHLLKALSCQEVTDDEVLDAS
CLLDVLRMYRWQISSFEEQDAHELFHVITSSLEDERDGSGSHWKSQHPFGVEFETTMKCTESEEEEVTKGKENQDSLSLS
IPAATWGHPLTLDHCLHHFISQEEITKQSPTLQRNALYIKSSKISRLPQCLCIHLQRLSWSSHGTPLKRHEHVQFNEDLR
LPLAGGRGQAYRLMAVVVHHGDMHSGHFVTYRRSPPSARNPLSTSNQWLWVSDDTVRKASLQEVLSSSAYLLFYERV
;
A
2 'polypeptide(L)' MQIFVKTLTGKTITLEVEPSDTIENVKAKIQDKEGIPPDQQRLIFAGKQLEDGRTLSDYNIQKESTLHLVLRLRG B
#
loop_
_chem_comp.id
_chem_comp.type
_chem_comp.name
_chem_comp.formula
AYE non-polymer prop-2-en-1-amine 'C3 H7 N'
#
# COMPACT_ATOMS: atom_id res chain seq x y z
N LEU A 5 4.35 20.50 18.40
CA LEU A 5 2.94 20.26 18.71
C LEU A 5 2.62 18.77 18.87
N VAL A 6 3.51 17.88 18.44
CA VAL A 6 3.36 16.45 18.74
C VAL A 6 4.73 15.95 19.17
N PRO A 7 4.79 14.82 19.89
CA PRO A 7 6.11 14.25 20.25
C PRO A 7 6.85 13.77 19.01
N GLY A 8 8.19 13.90 19.06
CA GLY A 8 9.00 13.21 18.10
C GLY A 8 9.21 11.74 18.52
N LEU A 9 9.86 10.99 17.62
CA LEU A 9 10.18 9.58 17.89
C LEU A 9 11.68 9.41 17.69
N VAL A 10 12.36 8.79 18.65
CA VAL A 10 13.83 8.62 18.50
C VAL A 10 14.11 7.60 17.42
N ASN A 11 15.22 7.83 16.74
CA ASN A 11 15.70 6.87 15.72
C ASN A 11 16.78 6.01 16.40
N LEU A 12 16.36 4.87 16.91
CA LEU A 12 17.34 3.91 17.45
C LEU A 12 17.49 2.89 16.33
N GLY A 13 18.59 2.90 15.60
CA GLY A 13 18.81 1.84 14.60
C GLY A 13 17.98 1.88 13.35
N ASN A 14 18.07 2.95 12.56
CA ASN A 14 17.42 2.99 11.23
C ASN A 14 15.90 2.80 11.33
N THR A 15 15.26 3.38 12.33
CA THR A 15 13.82 3.13 12.52
C THR A 15 12.94 4.24 11.94
N CYS A 16 13.51 5.12 11.12
CA CYS A 16 12.64 6.12 10.51
C CYS A 16 11.49 5.52 9.70
N PHE A 17 11.63 4.31 9.15
CA PHE A 17 10.52 3.73 8.39
C PHE A 17 9.34 3.49 9.32
N MET A 18 9.62 3.11 10.57
CA MET A 18 8.55 2.98 11.56
C MET A 18 8.08 4.33 12.07
N ASN A 19 9.01 5.22 12.42
CA ASN A 19 8.60 6.49 13.02
C ASN A 19 7.71 7.28 12.05
N SER A 20 8.14 7.38 10.79
CA SER A 20 7.37 8.13 9.78
C SER A 20 5.99 7.52 9.63
N LEU A 21 5.90 6.18 9.58
CA LEU A 21 4.59 5.56 9.41
C LEU A 21 3.71 5.83 10.61
N LEU A 22 4.26 5.73 11.83
CA LEU A 22 3.44 5.98 13.03
C LEU A 22 2.95 7.41 13.07
N GLN A 23 3.83 8.36 12.68
CA GLN A 23 3.39 9.77 12.62
C GLN A 23 2.20 9.94 11.68
N GLY A 24 2.21 9.25 10.56
CA GLY A 24 1.12 9.38 9.63
C GLY A 24 -0.15 8.70 10.11
N LEU A 25 -0.03 7.46 10.61
CA LEU A 25 -1.18 6.77 11.16
C LEU A 25 -1.80 7.55 12.32
N SER A 26 -0.96 8.19 13.15
CA SER A 26 -1.50 8.92 14.30
C SER A 26 -2.31 10.13 13.87
N ALA A 27 -2.23 10.52 12.59
CA ALA A 27 -2.99 11.65 12.04
C ALA A 27 -4.31 11.20 11.42
N CYS A 28 -4.68 9.94 11.64
CA CYS A 28 -5.90 9.37 11.08
C CYS A 28 -6.82 9.05 12.23
N PRO A 29 -7.67 9.99 12.66
CA PRO A 29 -8.45 9.73 13.86
C PRO A 29 -9.48 8.62 13.71
N ALA A 30 -9.97 8.37 12.49
CA ALA A 30 -10.90 7.25 12.35
C ALA A 30 -10.18 5.91 12.56
N PHE A 31 -8.91 5.83 12.15
CA PHE A 31 -8.15 4.62 12.45
C PHE A 31 -7.96 4.43 13.95
N ILE A 32 -7.63 5.52 14.67
CA ILE A 32 -7.50 5.42 16.12
C ILE A 32 -8.82 4.99 16.77
N ARG A 33 -9.94 5.56 16.34
CA ARG A 33 -11.24 5.12 16.86
C ARG A 33 -11.52 3.66 16.55
N TRP A 34 -11.17 3.20 15.34
CA TRP A 34 -11.35 1.79 15.03
C TRP A 34 -10.52 0.91 15.98
N LEU A 35 -9.30 1.34 16.28
CA LEU A 35 -8.41 0.56 17.12
C LEU A 35 -8.92 0.51 18.53
N GLU A 36 -9.46 1.63 19.00
CA GLU A 36 -10.03 1.67 20.35
C GLU A 36 -11.18 0.69 20.47
N GLU A 37 -12.09 0.69 19.47
CA GLU A 37 -13.19 -0.25 19.49
C GLU A 37 -12.69 -1.68 19.31
N PHE A 38 -11.71 -1.89 18.44
CA PHE A 38 -11.17 -3.27 18.23
C PHE A 38 -10.54 -3.80 19.53
N THR A 39 -9.91 -2.94 20.33
CA THR A 39 -9.21 -3.39 21.55
C THR A 39 -10.15 -3.34 22.75
N SER A 40 -11.42 -3.05 22.51
CA SER A 40 -12.39 -2.89 23.64
C SER A 40 -12.66 -4.23 24.33
N LEU A 55 -0.66 -6.86 19.39
CA LEU A 55 0.08 -5.73 18.79
C LEU A 55 -0.83 -4.51 18.79
N SER A 56 -2.13 -4.74 18.73
CA SER A 56 -3.12 -3.63 18.63
C SER A 56 -2.97 -2.64 19.79
N LEU A 57 -2.76 -3.14 21.02
CA LEU A 57 -2.69 -2.23 22.18
C LEU A 57 -1.35 -1.51 22.17
N THR A 58 -0.29 -2.22 21.80
CA THR A 58 0.99 -1.53 21.68
C THR A 58 0.90 -0.44 20.63
N LEU A 59 0.29 -0.75 19.49
CA LEU A 59 0.12 0.27 18.47
C LEU A 59 -0.77 1.40 18.96
N LEU A 60 -1.90 1.05 19.59
CA LEU A 60 -2.86 2.07 20.02
C LEU A 60 -2.21 3.06 20.99
N HIS A 61 -1.45 2.55 21.94
CA HIS A 61 -0.87 3.45 22.92
C HIS A 61 0.07 4.45 22.25
N LEU A 62 0.87 4.00 21.27
CA LEU A 62 1.73 4.93 20.56
C LEU A 62 0.91 5.96 19.78
N LEU A 63 -0.13 5.51 19.04
CA LEU A 63 -0.89 6.45 18.24
C LEU A 63 -1.65 7.47 19.10
N LYS A 64 -2.13 7.05 20.28
CA LYS A 64 -2.77 7.99 21.20
C LYS A 64 -1.79 9.06 21.65
N ALA A 65 -0.55 8.68 21.94
CA ALA A 65 0.45 9.66 22.38
C ALA A 65 0.81 10.60 21.25
N LEU A 66 0.93 10.07 20.05
CA LEU A 66 1.32 10.87 18.89
C LEU A 66 0.19 11.74 18.38
N SER A 67 -1.05 11.49 18.80
CA SER A 67 -2.17 12.32 18.42
C SER A 67 -2.56 13.28 19.53
N CYS A 68 -1.75 13.40 20.57
CA CYS A 68 -2.05 14.23 21.75
C CYS A 68 -3.42 13.92 22.33
N GLU A 75 9.16 16.84 23.76
CA GLU A 75 9.11 15.46 24.25
C GLU A 75 9.37 14.56 23.07
N VAL A 76 10.00 13.45 23.39
CA VAL A 76 10.33 12.43 22.41
C VAL A 76 9.94 11.08 22.99
N LEU A 77 9.34 10.23 22.19
CA LEU A 77 8.96 8.89 22.56
C LEU A 77 9.81 7.89 21.80
N ASP A 78 9.68 6.63 22.21
CA ASP A 78 10.40 5.51 21.61
C ASP A 78 9.40 4.47 21.19
N ALA A 79 9.36 4.17 19.90
CA ALA A 79 8.44 3.16 19.36
C ALA A 79 9.05 1.77 19.29
N SER A 80 10.27 1.59 19.82
CA SER A 80 10.96 0.30 19.68
C SER A 80 10.19 -0.87 20.27
N CYS A 81 9.28 -0.68 21.26
CA CYS A 81 8.56 -1.86 21.75
C CYS A 81 7.71 -2.45 20.66
N LEU A 82 7.14 -1.59 19.78
CA LEU A 82 6.34 -2.13 18.69
C LEU A 82 7.22 -2.98 17.79
N LEU A 83 8.41 -2.50 17.50
CA LEU A 83 9.30 -3.31 16.66
C LEU A 83 9.71 -4.59 17.37
N ASP A 84 9.91 -4.57 18.69
CA ASP A 84 10.24 -5.81 19.41
C ASP A 84 9.14 -6.87 19.24
N VAL A 85 7.87 -6.48 19.40
CA VAL A 85 6.77 -7.42 19.30
C VAL A 85 6.66 -7.94 17.87
N LEU A 86 6.81 -7.03 16.89
CA LEU A 86 6.77 -7.45 15.49
C LEU A 86 7.88 -8.43 15.17
N ARG A 87 9.11 -8.17 15.68
CA ARG A 87 10.22 -9.08 15.44
C ARG A 87 9.99 -10.41 16.13
N MET A 88 9.31 -10.39 17.27
CA MET A 88 9.12 -11.65 17.94
C MET A 88 8.19 -12.56 17.13
N TYR A 89 7.12 -12.00 16.58
CA TYR A 89 6.01 -12.85 16.16
C TYR A 89 5.57 -12.68 14.70
N ARG A 90 5.89 -11.56 14.05
CA ARG A 90 5.24 -11.26 12.78
C ARG A 90 6.21 -11.00 11.64
N TRP A 91 7.39 -10.48 11.96
CA TRP A 91 8.29 -10.02 10.89
C TRP A 91 9.74 -10.28 11.28
N GLN A 92 10.37 -11.20 10.57
CA GLN A 92 11.76 -11.61 10.91
C GLN A 92 12.75 -10.61 10.32
N ILE A 93 12.98 -9.53 11.04
CA ILE A 93 13.98 -8.57 10.63
C ILE A 93 14.91 -8.38 11.81
N SER A 94 16.05 -7.73 11.56
CA SER A 94 16.94 -7.42 12.66
C SER A 94 16.47 -6.14 13.33
N SER A 95 17.24 -5.68 14.31
CA SER A 95 16.75 -4.48 14.98
C SER A 95 17.28 -3.22 14.36
N PHE A 96 18.19 -3.30 13.36
CA PHE A 96 18.89 -2.07 13.02
C PHE A 96 19.08 -1.84 11.53
N GLU A 97 18.35 -2.52 10.67
CA GLU A 97 18.48 -2.26 9.25
C GLU A 97 17.39 -1.35 8.76
N GLU A 98 17.69 -0.68 7.65
CA GLU A 98 16.68 0.10 6.98
C GLU A 98 15.60 -0.82 6.43
N GLN A 99 14.37 -0.32 6.38
CA GLN A 99 13.23 -1.12 5.92
C GLN A 99 12.28 -0.20 5.17
N ASP A 100 11.28 -0.79 4.52
CA ASP A 100 10.30 -0.04 3.71
C ASP A 100 9.07 0.25 4.59
N ALA A 101 8.70 1.54 4.73
CA ALA A 101 7.50 1.85 5.50
C ALA A 101 6.26 1.16 4.93
N HIS A 102 6.21 0.92 3.62
CA HIS A 102 5.03 0.26 3.05
C HIS A 102 4.96 -1.20 3.47
N GLU A 103 6.13 -1.86 3.52
CA GLU A 103 6.13 -3.24 4.00
C GLU A 103 5.71 -3.28 5.47
N LEU A 104 6.18 -2.33 6.32
CA LEU A 104 5.72 -2.30 7.70
C LEU A 104 4.19 -2.09 7.76
N PHE A 105 3.67 -1.18 6.92
CA PHE A 105 2.22 -0.96 6.90
C PHE A 105 1.46 -2.26 6.70
N HIS A 106 1.84 -3.04 5.68
CA HIS A 106 1.14 -4.30 5.44
C HIS A 106 1.37 -5.35 6.53
N VAL A 107 2.55 -5.33 7.21
CA VAL A 107 2.74 -6.19 8.37
C VAL A 107 1.71 -5.81 9.45
N ILE A 108 1.51 -4.50 9.67
CA ILE A 108 0.55 -4.06 10.67
C ILE A 108 -0.88 -4.43 10.27
N THR A 109 -1.26 -4.14 9.03
CA THR A 109 -2.67 -4.41 8.69
C THR A 109 -2.95 -5.91 8.69
N SER A 110 -1.99 -6.71 8.22
CA SER A 110 -2.24 -8.14 8.21
C SER A 110 -2.14 -8.74 9.61
N SER A 111 -1.45 -8.07 10.54
CA SER A 111 -1.44 -8.53 11.91
C SER A 111 -2.73 -8.21 12.63
N LEU A 112 -3.41 -7.14 12.24
CA LEU A 112 -4.73 -6.88 12.80
C LEU A 112 -5.77 -7.88 12.33
N GLU A 113 -5.61 -8.41 11.10
CA GLU A 113 -6.61 -9.35 10.61
C GLU A 113 -6.53 -10.65 11.35
N ASP A 114 -5.34 -11.17 11.50
CA ASP A 114 -5.12 -12.42 12.16
C ASP A 114 -5.44 -12.28 13.65
N TRP A 123 -14.02 -9.76 6.91
CA TRP A 123 -12.94 -8.98 6.27
C TRP A 123 -13.17 -7.49 6.52
N LYS A 124 -14.41 -7.03 6.31
CA LYS A 124 -14.75 -5.61 6.50
C LYS A 124 -14.36 -5.12 7.90
N SER A 125 -14.73 -5.88 8.92
CA SER A 125 -14.54 -5.42 10.28
C SER A 125 -13.10 -5.48 10.73
N GLN A 126 -12.28 -6.33 10.09
CA GLN A 126 -10.88 -6.46 10.43
C GLN A 126 -9.97 -5.60 9.56
N HIS A 127 -10.54 -4.84 8.59
CA HIS A 127 -9.75 -4.07 7.62
C HIS A 127 -10.23 -2.61 7.53
N PRO A 128 -9.78 -1.76 8.46
CA PRO A 128 -10.17 -0.33 8.40
C PRO A 128 -9.61 0.42 7.18
N PHE A 129 -8.60 -0.13 6.52
CA PHE A 129 -8.03 0.43 5.30
C PHE A 129 -8.48 -0.31 4.02
N GLY A 130 -9.38 -1.28 4.16
CA GLY A 130 -9.63 -2.21 3.06
C GLY A 130 -10.50 -1.63 1.96
N VAL A 131 -9.97 -1.68 0.72
CA VAL A 131 -10.73 -1.37 -0.49
C VAL A 131 -11.08 -2.69 -1.16
N GLU A 132 -12.34 -2.84 -1.58
CA GLU A 132 -12.73 -4.00 -2.38
C GLU A 132 -13.06 -3.56 -3.79
N PHE A 133 -12.63 -4.37 -4.78
CA PHE A 133 -13.02 -4.20 -6.17
C PHE A 133 -13.82 -5.42 -6.61
N GLU A 134 -14.89 -5.17 -7.37
CA GLU A 134 -15.56 -6.17 -8.19
C GLU A 134 -14.96 -6.11 -9.60
N THR A 135 -14.44 -7.23 -10.10
CA THR A 135 -13.82 -7.21 -11.42
C THR A 135 -14.62 -8.07 -12.39
N THR A 136 -14.47 -7.75 -13.69
CA THR A 136 -15.12 -8.49 -14.76
C THR A 136 -14.07 -8.75 -15.83
N MET A 137 -14.09 -9.97 -16.39
CA MET A 137 -13.19 -10.37 -17.46
C MET A 137 -14.04 -10.75 -18.66
N LYS A 138 -13.78 -10.12 -19.78
CA LYS A 138 -14.53 -10.34 -21.01
C LYS A 138 -13.56 -10.78 -22.10
N CYS A 139 -13.89 -11.89 -22.75
CA CYS A 139 -13.03 -12.42 -23.81
C CYS A 139 -13.20 -11.58 -25.07
N THR A 140 -12.10 -11.00 -25.56
CA THR A 140 -12.19 -10.22 -26.79
C THR A 140 -12.32 -11.09 -28.01
N GLU A 141 -12.00 -12.37 -27.90
CA GLU A 141 -11.90 -13.27 -29.04
C GLU A 141 -13.09 -14.22 -29.15
N SER A 142 -14.00 -14.17 -28.18
CA SER A 142 -15.14 -15.09 -28.22
C SER A 142 -16.35 -14.31 -27.69
N GLU A 143 -17.14 -13.74 -28.61
CA GLU A 143 -18.26 -12.90 -28.21
C GLU A 143 -19.34 -13.70 -27.47
N GLU A 144 -19.43 -15.01 -27.75
CA GLU A 144 -20.42 -15.83 -27.06
C GLU A 144 -20.05 -16.15 -25.60
N GLU A 145 -18.77 -16.11 -25.24
CA GLU A 145 -18.37 -16.52 -23.89
C GLU A 145 -18.92 -15.56 -22.84
N GLU A 146 -19.44 -16.14 -21.76
CA GLU A 146 -19.99 -15.36 -20.66
C GLU A 146 -18.87 -14.76 -19.84
N VAL A 147 -19.05 -13.50 -19.43
CA VAL A 147 -18.00 -12.84 -18.65
C VAL A 147 -17.91 -13.50 -17.27
N THR A 148 -16.73 -13.46 -16.67
CA THR A 148 -16.60 -13.93 -15.30
C THR A 148 -16.34 -12.75 -14.37
N LYS A 149 -16.83 -12.88 -13.15
CA LYS A 149 -16.69 -11.85 -12.13
C LYS A 149 -15.78 -12.33 -11.02
N GLY A 150 -15.11 -11.37 -10.38
CA GLY A 150 -14.06 -11.65 -9.43
C GLY A 150 -14.07 -10.55 -8.39
N LYS A 151 -13.30 -10.75 -7.33
CA LYS A 151 -13.15 -9.75 -6.27
C LYS A 151 -11.69 -9.56 -5.95
N GLU A 152 -11.30 -8.33 -5.65
CA GLU A 152 -9.94 -8.05 -5.20
C GLU A 152 -10.05 -7.26 -3.90
N ASN A 153 -9.19 -7.58 -2.96
CA ASN A 153 -9.17 -6.93 -1.65
C ASN A 153 -7.80 -6.32 -1.45
N GLN A 154 -7.78 -5.03 -1.08
CA GLN A 154 -6.49 -4.37 -0.97
C GLN A 154 -6.49 -3.49 0.25
N ASP A 155 -5.35 -3.44 0.97
CA ASP A 155 -5.25 -2.52 2.11
C ASP A 155 -4.45 -1.28 1.76
N SER A 156 -3.81 -1.25 0.59
CA SER A 156 -3.24 0.00 0.06
C SER A 156 -3.39 -0.10 -1.46
N LEU A 157 -3.42 1.05 -2.13
CA LEU A 157 -3.44 1.06 -3.60
C LEU A 157 -2.08 1.41 -4.08
N SER A 158 -1.35 0.41 -4.64
CA SER A 158 0.03 0.61 -5.07
C SER A 158 0.00 1.06 -6.53
N LEU A 159 0.00 2.36 -6.71
CA LEU A 159 -0.07 2.98 -8.03
C LEU A 159 1.28 3.01 -8.71
N SER A 160 1.28 2.91 -10.04
CA SER A 160 2.48 3.00 -10.85
C SER A 160 2.67 4.42 -11.33
N ILE A 161 3.91 4.87 -11.37
CA ILE A 161 4.24 6.19 -11.89
C ILE A 161 4.64 6.00 -13.35
N PRO A 162 3.91 6.61 -14.31
CA PRO A 162 4.32 6.45 -15.69
C PRO A 162 5.60 7.19 -16.01
N ALA A 163 6.11 6.92 -17.20
CA ALA A 163 7.29 7.68 -17.68
C ALA A 163 6.91 9.15 -17.77
N ALA A 164 7.85 10.00 -17.39
CA ALA A 164 7.59 11.45 -17.42
C ALA A 164 7.75 11.96 -18.86
N PRO A 169 2.71 16.41 -17.02
CA PRO A 169 2.65 16.62 -15.57
C PRO A 169 2.11 15.39 -14.90
N LEU A 170 2.84 14.86 -13.92
CA LEU A 170 2.42 13.59 -13.28
C LEU A 170 1.47 13.93 -12.13
N THR A 171 0.29 13.34 -12.15
CA THR A 171 -0.71 13.64 -11.11
C THR A 171 -1.21 12.37 -10.48
N LEU A 172 -1.53 12.46 -9.20
CA LEU A 172 -2.04 11.28 -8.50
C LEU A 172 -3.37 10.87 -9.10
N ASP A 173 -4.17 11.85 -9.46
CA ASP A 173 -5.48 11.56 -10.10
C ASP A 173 -5.29 10.69 -11.34
N HIS A 174 -4.26 11.01 -12.17
CA HIS A 174 -4.07 10.19 -13.37
C HIS A 174 -3.58 8.78 -13.03
N CYS A 175 -2.67 8.64 -12.08
CA CYS A 175 -2.21 7.33 -11.67
C CYS A 175 -3.35 6.48 -11.12
N LEU A 176 -4.21 7.09 -10.33
CA LEU A 176 -5.37 6.37 -9.79
C LEU A 176 -6.32 6.00 -10.91
N HIS A 177 -6.60 6.93 -11.83
CA HIS A 177 -7.48 6.64 -12.95
C HIS A 177 -6.93 5.46 -13.75
N HIS A 178 -5.63 5.45 -13.99
CA HIS A 178 -5.04 4.36 -14.74
C HIS A 178 -5.15 3.04 -13.99
N PHE A 179 -4.89 3.06 -12.68
CA PHE A 179 -4.98 1.85 -11.86
C PHE A 179 -6.36 1.20 -11.98
N ILE A 180 -7.44 1.99 -11.99
CA ILE A 180 -8.79 1.47 -12.02
C ILE A 180 -9.26 1.20 -13.44
N SER A 181 -8.59 1.76 -14.44
CA SER A 181 -9.09 1.58 -15.80
C SER A 181 -8.91 0.13 -16.32
N GLN A 182 -9.57 -0.13 -17.45
CA GLN A 182 -9.54 -1.45 -18.05
C GLN A 182 -8.12 -1.86 -18.43
N GLU A 183 -7.86 -3.16 -18.38
CA GLU A 183 -6.55 -3.63 -18.85
C GLU A 183 -6.67 -4.95 -19.58
N GLU A 184 -5.65 -5.24 -20.38
CA GLU A 184 -5.55 -6.51 -21.12
C GLU A 184 -4.95 -7.59 -20.24
N ILE A 185 -5.53 -8.79 -20.31
CA ILE A 185 -5.02 -9.94 -19.60
C ILE A 185 -5.14 -11.14 -20.52
N THR A 186 -4.10 -11.99 -20.53
CA THR A 186 -4.13 -13.24 -21.29
C THR A 186 -4.50 -14.38 -20.38
N LYS A 187 -5.47 -15.20 -20.78
CA LYS A 187 -5.77 -16.38 -19.95
C LYS A 187 -6.49 -17.40 -20.80
N GLN A 188 -6.53 -18.62 -20.26
CA GLN A 188 -7.17 -19.73 -20.96
C GLN A 188 -8.65 -19.46 -21.13
N SER A 189 -9.13 -19.67 -22.35
CA SER A 189 -10.54 -19.48 -22.66
C SER A 189 -11.23 -20.85 -22.67
N PRO A 190 -12.27 -21.05 -21.86
CA PRO A 190 -12.99 -22.33 -21.95
C PRO A 190 -13.63 -22.54 -23.31
N THR A 191 -14.00 -21.48 -24.02
CA THR A 191 -14.72 -21.67 -25.26
C THR A 191 -13.76 -21.90 -26.42
N LEU A 192 -12.62 -21.24 -26.40
CA LEU A 192 -11.63 -21.37 -27.46
C LEU A 192 -10.62 -22.47 -27.20
N GLN A 193 -10.51 -22.92 -25.94
CA GLN A 193 -9.60 -23.99 -25.55
C GLN A 193 -8.16 -23.64 -25.87
N ARG A 194 -7.81 -22.36 -25.67
CA ARG A 194 -6.45 -21.86 -25.75
C ARG A 194 -6.38 -20.55 -24.96
N ASN A 195 -5.16 -20.07 -24.77
CA ASN A 195 -5.00 -18.72 -24.27
C ASN A 195 -5.63 -17.72 -25.24
N ALA A 196 -6.25 -16.67 -24.68
CA ALA A 196 -6.90 -15.65 -25.47
C ALA A 196 -6.78 -14.32 -24.74
N LEU A 197 -7.05 -13.25 -25.47
CA LEU A 197 -6.95 -11.90 -24.91
C LEU A 197 -8.27 -11.51 -24.26
N TYR A 198 -8.20 -11.12 -22.99
CA TYR A 198 -9.35 -10.68 -22.20
C TYR A 198 -9.16 -9.23 -21.81
N ILE A 199 -10.27 -8.53 -21.58
CA ILE A 199 -10.23 -7.21 -20.97
C ILE A 199 -10.80 -7.32 -19.55
N LYS A 200 -10.04 -6.84 -18.56
CA LYS A 200 -10.49 -6.79 -17.16
C LYS A 200 -10.97 -5.38 -16.87
N SER A 201 -12.20 -5.24 -16.36
CA SER A 201 -12.65 -3.97 -15.81
C SER A 201 -12.98 -4.11 -14.33
N SER A 202 -12.93 -2.98 -13.59
CA SER A 202 -12.99 -2.99 -12.14
C SER A 202 -13.97 -1.93 -11.68
N LYS A 203 -14.67 -2.22 -10.59
CA LYS A 203 -15.55 -1.25 -9.94
C LYS A 203 -15.29 -1.34 -8.43
N ILE A 204 -15.23 -0.19 -7.76
CA ILE A 204 -14.99 -0.25 -6.32
C ILE A 204 -16.26 -0.70 -5.64
N SER A 205 -16.14 -1.74 -4.81
CA SER A 205 -17.33 -2.36 -4.16
C SER A 205 -17.36 -2.09 -2.64
N ARG A 206 -16.24 -1.68 -2.06
CA ARG A 206 -16.18 -1.38 -0.60
C ARG A 206 -15.37 -0.11 -0.40
N LEU A 207 -15.87 0.87 0.33
CA LEU A 207 -15.08 2.09 0.61
C LEU A 207 -14.63 2.07 2.08
N PRO A 208 -13.32 2.18 2.37
CA PRO A 208 -12.88 2.25 3.75
C PRO A 208 -12.97 3.63 4.38
N GLN A 209 -12.95 3.66 5.71
CA GLN A 209 -12.96 4.96 6.42
C GLN A 209 -11.56 5.59 6.28
N CYS A 210 -10.56 4.73 6.11
CA CYS A 210 -9.18 5.19 6.00
C CYS A 210 -8.56 4.65 4.72
N LEU A 211 -7.71 5.44 4.06
CA LEU A 211 -7.18 5.08 2.74
C LEU A 211 -5.69 5.32 2.69
N CYS A 212 -4.94 4.34 2.17
CA CYS A 212 -3.49 4.45 1.99
C CYS A 212 -3.21 4.30 0.52
N ILE A 213 -2.67 5.36 -0.08
CA ILE A 213 -2.18 5.31 -1.45
C ILE A 213 -0.67 5.16 -1.39
N HIS A 214 -0.14 4.23 -2.17
CA HIS A 214 1.29 3.97 -2.22
C HIS A 214 1.76 4.31 -3.62
N LEU A 215 2.57 5.36 -3.78
CA LEU A 215 3.15 5.69 -5.07
C LEU A 215 4.41 4.88 -5.22
N GLN A 216 4.40 3.90 -6.12
CA GLN A 216 5.58 3.07 -6.28
C GLN A 216 6.70 3.97 -6.74
N ARG A 217 7.77 4.04 -5.96
CA ARG A 217 8.93 4.83 -6.35
C ARG A 217 10.15 3.97 -6.65
N LEU A 218 9.97 2.66 -6.78
CA LEU A 218 10.96 1.80 -7.40
C LEU A 218 10.37 1.17 -8.67
N SER A 219 11.03 1.37 -9.76
CA SER A 219 10.69 0.79 -11.05
C SER A 219 11.84 -0.12 -11.47
N TRP A 220 11.67 -0.81 -12.60
CA TRP A 220 12.70 -1.66 -13.18
C TRP A 220 13.24 -0.97 -14.43
N SER A 221 14.56 -0.78 -14.48
CA SER A 221 15.16 -0.01 -15.55
C SER A 221 15.24 -0.81 -16.84
N SER A 222 15.47 -0.10 -17.95
CA SER A 222 15.73 -0.76 -19.22
C SER A 222 16.98 -1.61 -19.19
N HIS A 223 17.86 -1.37 -18.23
CA HIS A 223 19.09 -2.14 -18.04
C HIS A 223 18.91 -3.36 -17.14
N GLY A 224 17.68 -3.68 -16.74
CA GLY A 224 17.47 -4.76 -15.77
C GLY A 224 17.97 -4.48 -14.37
N THR A 225 17.82 -3.25 -13.89
CA THR A 225 18.27 -2.76 -12.60
C THR A 225 17.12 -2.01 -11.95
N PRO A 226 17.08 -1.95 -10.62
CA PRO A 226 16.09 -1.09 -9.96
C PRO A 226 16.42 0.37 -10.20
N LEU A 227 15.38 1.19 -10.15
CA LEU A 227 15.51 2.63 -10.41
C LEU A 227 14.58 3.37 -9.46
N LYS A 228 15.15 4.30 -8.70
CA LYS A 228 14.34 5.17 -7.89
C LYS A 228 13.69 6.26 -8.75
N ARG A 229 12.41 6.42 -8.51
CA ARG A 229 11.61 7.44 -9.19
C ARG A 229 11.57 8.65 -8.27
N HIS A 230 12.22 9.73 -8.69
CA HIS A 230 12.25 10.96 -7.89
C HIS A 230 11.20 11.97 -8.29
N GLU A 231 10.46 11.73 -9.38
CA GLU A 231 9.62 12.76 -9.97
C GLU A 231 8.51 13.20 -9.03
N HIS A 232 8.21 14.49 -9.04
CA HIS A 232 7.08 14.99 -8.27
C HIS A 232 5.79 14.45 -8.89
N VAL A 233 4.88 13.96 -8.04
CA VAL A 233 3.54 13.54 -8.50
C VAL A 233 2.56 14.49 -7.82
N GLN A 234 1.80 15.23 -8.59
CA GLN A 234 0.95 16.29 -8.00
C GLN A 234 -0.24 15.66 -7.28
N PHE A 235 -0.48 16.10 -6.06
CA PHE A 235 -1.64 15.59 -5.32
C PHE A 235 -2.28 16.77 -4.62
N ASN A 236 -3.55 16.59 -4.31
CA ASN A 236 -4.35 17.60 -3.66
C ASN A 236 -4.68 17.19 -2.22
N GLU A 237 -5.18 18.14 -1.47
CA GLU A 237 -5.70 17.84 -0.16
C GLU A 237 -6.95 16.96 -0.22
N ASP A 238 -7.73 17.07 -1.29
CA ASP A 238 -8.98 16.32 -1.47
C ASP A 238 -8.83 15.30 -2.58
N LEU A 239 -9.35 14.07 -2.34
CA LEU A 239 -9.30 12.95 -3.29
C LEU A 239 -10.68 12.32 -3.37
N ARG A 240 -11.14 12.00 -4.59
CA ARG A 240 -12.44 11.35 -4.78
C ARG A 240 -12.23 9.98 -5.42
N LEU A 241 -12.74 8.94 -4.79
CA LEU A 241 -12.79 7.59 -5.38
C LEU A 241 -14.12 7.44 -6.10
N PRO A 242 -14.13 7.09 -7.39
CA PRO A 242 -15.40 6.93 -8.11
C PRO A 242 -16.07 5.60 -7.82
N LEU A 243 -17.41 5.62 -7.92
CA LEU A 243 -18.28 4.48 -7.73
C LEU A 243 -19.26 4.40 -8.90
N ALA A 244 -20.04 3.34 -8.91
CA ALA A 244 -21.00 3.12 -9.99
C ALA A 244 -21.92 4.31 -10.13
N GLY A 245 -22.38 4.56 -11.36
CA GLY A 245 -23.43 5.57 -11.62
C GLY A 245 -23.10 6.98 -11.24
N GLY A 246 -21.82 7.33 -11.15
CA GLY A 246 -21.47 8.73 -10.90
C GLY A 246 -21.34 8.99 -9.42
N ARG A 247 -21.67 7.99 -8.61
CA ARG A 247 -21.50 8.15 -7.15
C ARG A 247 -19.99 8.10 -6.88
N GLY A 248 -19.61 8.59 -5.72
CA GLY A 248 -18.18 8.60 -5.36
C GLY A 248 -18.04 8.88 -3.89
N GLN A 249 -16.82 8.72 -3.40
CA GLN A 249 -16.57 9.02 -2.00
C GLN A 249 -15.39 9.98 -1.91
N ALA A 250 -15.63 11.07 -1.19
CA ALA A 250 -14.56 12.05 -0.92
C ALA A 250 -13.71 11.66 0.27
N TYR A 251 -12.39 11.86 0.12
CA TYR A 251 -11.41 11.63 1.17
C TYR A 251 -10.57 12.89 1.35
N ARG A 252 -10.05 13.06 2.57
CA ARG A 252 -9.26 14.24 2.90
C ARG A 252 -7.88 13.81 3.39
N LEU A 253 -6.83 14.45 2.85
CA LEU A 253 -5.46 14.09 3.17
C LEU A 253 -5.11 14.40 4.63
N MET A 254 -4.47 13.41 5.30
CA MET A 254 -4.09 13.57 6.70
C MET A 254 -2.58 13.56 6.88
N ALA A 255 -1.87 12.82 6.03
CA ALA A 255 -0.43 12.72 6.17
C ALA A 255 0.20 12.17 4.90
N VAL A 256 1.48 12.52 4.74
CA VAL A 256 2.29 12.06 3.62
C VAL A 256 3.62 11.55 4.16
N VAL A 257 3.96 10.29 3.85
CA VAL A 257 5.27 9.75 4.13
C VAL A 257 6.09 10.00 2.87
N VAL A 258 7.33 10.52 3.07
CA VAL A 258 8.21 10.92 1.98
C VAL A 258 9.51 10.12 2.13
N HIS A 259 10.02 9.57 1.04
CA HIS A 259 11.33 8.90 1.03
C HIS A 259 12.36 9.80 0.35
N HIS A 260 13.46 10.06 1.07
CA HIS A 260 14.58 10.76 0.49
C HIS A 260 15.72 9.78 0.29
N GLY A 261 16.50 10.00 -0.77
CA GLY A 261 17.66 9.13 -1.00
C GLY A 261 17.40 8.15 -2.13
N ASP A 262 18.12 7.03 -2.09
CA ASP A 262 18.01 6.07 -3.19
C ASP A 262 17.65 4.69 -2.62
N MET A 263 17.76 3.59 -3.41
CA MET A 263 17.50 2.30 -2.76
C MET A 263 18.72 1.74 -2.03
N HIS A 264 19.92 2.28 -2.26
CA HIS A 264 21.05 1.85 -1.45
C HIS A 264 20.96 2.41 -0.02
N SER A 265 20.44 3.64 0.14
CA SER A 265 20.18 4.14 1.48
C SER A 265 19.16 5.26 1.38
N GLY A 266 18.32 5.41 2.40
CA GLY A 266 17.53 6.62 2.38
C GLY A 266 16.93 6.91 3.74
N HIS A 267 16.01 7.85 3.74
CA HIS A 267 15.43 8.39 4.96
C HIS A 267 13.96 8.69 4.73
N PHE A 268 13.11 8.35 5.70
CA PHE A 268 11.71 8.70 5.64
C PHE A 268 11.38 9.82 6.60
N VAL A 269 10.58 10.76 6.13
CA VAL A 269 9.98 11.82 6.95
C VAL A 269 8.47 11.80 6.70
N THR A 270 7.75 12.51 7.54
CA THR A 270 6.32 12.63 7.38
C THR A 270 5.88 14.05 7.47
N TYR A 271 4.98 14.44 6.59
CA TYR A 271 4.21 15.66 6.76
C TYR A 271 2.86 15.22 7.29
N ARG A 272 2.39 15.85 8.34
CA ARG A 272 1.11 15.45 8.91
C ARG A 272 0.34 16.65 9.42
N ARG A 273 -0.97 16.49 9.54
CA ARG A 273 -1.74 17.53 10.24
C ARG A 273 -1.42 17.56 11.73
N SER A 274 -1.41 18.77 12.30
CA SER A 274 -1.39 18.90 13.75
C SER A 274 -2.67 18.27 14.32
N PRO A 275 -2.66 17.84 15.58
CA PRO A 275 -3.93 17.50 16.26
C PRO A 275 -4.85 18.70 16.32
N PRO A 276 -6.15 18.47 16.33
CA PRO A 276 -7.10 19.56 16.52
C PRO A 276 -6.99 20.19 17.89
N SER A 277 -7.53 21.40 18.03
CA SER A 277 -7.58 22.00 19.35
C SER A 277 -8.57 21.27 20.24
N ALA A 278 -8.34 21.36 21.55
CA ALA A 278 -9.23 20.73 22.53
C ALA A 278 -10.65 21.30 22.47
N ARG A 279 -10.80 22.57 22.10
CA ARG A 279 -12.12 23.16 21.98
C ARG A 279 -12.81 22.84 20.67
N ASN A 280 -12.11 22.22 19.73
CA ASN A 280 -12.71 21.77 18.48
C ASN A 280 -12.23 20.35 18.21
N PRO A 281 -12.56 19.41 19.10
CA PRO A 281 -11.80 18.13 19.15
C PRO A 281 -12.05 17.21 17.98
N LEU A 282 -13.20 17.33 17.32
CA LEU A 282 -13.46 16.50 16.16
C LEU A 282 -13.22 17.24 14.86
N SER A 283 -12.61 18.42 14.92
CA SER A 283 -12.31 19.14 13.71
C SER A 283 -11.01 18.61 13.14
N THR A 284 -10.66 19.10 11.95
CA THR A 284 -9.43 18.77 11.29
C THR A 284 -8.59 20.04 11.30
N SER A 285 -7.37 19.95 11.82
CA SER A 285 -6.51 21.13 11.85
C SER A 285 -6.05 21.47 10.44
N ASN A 286 -5.87 22.77 10.18
CA ASN A 286 -5.22 23.20 8.96
C ASN A 286 -3.76 23.51 9.16
N GLN A 287 -3.21 23.23 10.35
CA GLN A 287 -1.79 23.40 10.60
C GLN A 287 -1.07 22.11 10.22
N TRP A 288 -0.02 22.22 9.42
CA TRP A 288 0.78 21.04 9.07
C TRP A 288 2.11 21.03 9.81
N LEU A 289 2.65 19.80 9.97
CA LEU A 289 3.94 19.57 10.63
C LEU A 289 4.84 18.75 9.73
N TRP A 290 6.12 19.04 9.76
CA TRP A 290 7.17 18.16 9.25
C TRP A 290 7.81 17.42 10.41
N VAL A 291 7.85 16.10 10.33
CA VAL A 291 8.39 15.30 11.41
C VAL A 291 9.45 14.36 10.86
N SER A 292 10.67 14.53 11.32
CA SER A 292 11.78 13.67 10.94
C SER A 292 12.33 13.10 12.26
N ASP A 293 11.98 11.84 12.51
CA ASP A 293 12.33 11.13 13.75
C ASP A 293 12.08 12.03 14.98
N ASP A 294 13.12 12.53 15.69
CA ASP A 294 12.88 13.23 16.95
C ASP A 294 12.60 14.73 16.76
N THR A 295 12.58 15.23 15.53
CA THR A 295 12.42 16.65 15.26
C THR A 295 11.03 16.93 14.66
N VAL A 296 10.31 17.87 15.26
CA VAL A 296 9.02 18.32 14.79
C VAL A 296 9.08 19.80 14.47
N ARG A 297 8.59 20.18 13.31
CA ARG A 297 8.60 21.59 12.86
C ARG A 297 7.27 21.94 12.20
N LYS A 298 6.83 23.19 12.30
CA LYS A 298 5.67 23.64 11.53
C LYS A 298 6.05 23.65 10.05
N ALA A 299 5.06 23.32 9.19
CA ALA A 299 5.27 23.32 7.74
C ALA A 299 4.04 23.95 7.12
N SER A 300 4.23 24.71 6.04
CA SER A 300 3.10 25.21 5.27
C SER A 300 2.48 24.08 4.43
N LEU A 301 1.19 24.24 4.13
CA LEU A 301 0.53 23.35 3.17
C LEU A 301 1.30 23.32 1.86
N GLN A 302 1.82 24.45 1.43
CA GLN A 302 2.53 24.42 0.16
C GLN A 302 3.75 23.54 0.24
N GLU A 303 4.47 23.55 1.38
CA GLU A 303 5.57 22.62 1.52
C GLU A 303 5.10 21.17 1.44
N VAL A 304 4.00 20.84 2.14
CA VAL A 304 3.43 19.50 2.06
C VAL A 304 3.17 19.11 0.61
N LEU A 305 2.46 19.96 -0.10
CA LEU A 305 2.03 19.57 -1.47
C LEU A 305 3.22 19.50 -2.43
N SER A 306 4.32 20.15 -2.08
CA SER A 306 5.50 20.15 -2.93
C SER A 306 6.39 18.96 -2.68
N SER A 307 6.05 18.15 -1.69
CA SER A 307 6.92 17.04 -1.32
C SER A 307 6.75 15.87 -2.28
N SER A 308 7.71 14.95 -2.19
CA SER A 308 7.77 13.77 -3.05
C SER A 308 6.99 12.66 -2.33
N ALA A 309 5.69 12.59 -2.56
CA ALA A 309 4.86 11.65 -1.81
C ALA A 309 5.20 10.20 -2.11
N TYR A 310 5.25 9.39 -1.04
CA TYR A 310 5.42 7.95 -1.15
C TYR A 310 4.22 7.20 -0.61
N LEU A 311 3.81 7.46 0.62
CA LEU A 311 2.54 6.97 1.13
C LEU A 311 1.68 8.18 1.45
N LEU A 312 0.43 8.15 1.02
CA LEU A 312 -0.53 9.21 1.36
C LEU A 312 -1.65 8.58 2.13
N PHE A 313 -1.99 9.15 3.29
CA PHE A 313 -3.03 8.67 4.15
C PHE A 313 -4.20 9.64 4.15
N TYR A 314 -5.38 9.11 3.90
CA TYR A 314 -6.60 9.90 3.84
C TYR A 314 -7.64 9.34 4.76
N GLU A 315 -8.61 10.19 5.09
CA GLU A 315 -9.78 9.67 5.77
C GLU A 315 -11.03 10.09 5.03
N ARG A 316 -12.04 9.26 5.11
CA ARG A 316 -13.27 9.45 4.38
C ARG A 316 -13.98 10.64 5.00
N VAL A 317 -14.39 11.60 4.17
CA VAL A 317 -15.10 12.79 4.63
C VAL A 317 -16.49 12.41 5.11
N MET B 1 -2.60 -24.46 -12.99
CA MET B 1 -3.64 -23.43 -13.07
C MET B 1 -2.93 -22.14 -13.41
N GLN B 2 -3.71 -21.12 -13.78
CA GLN B 2 -3.17 -19.79 -13.99
C GLN B 2 -3.48 -18.86 -12.80
N ILE B 3 -2.48 -18.07 -12.38
CA ILE B 3 -2.73 -16.90 -11.54
C ILE B 3 -2.17 -15.67 -12.23
N PHE B 4 -2.60 -14.51 -11.78
CA PHE B 4 -2.20 -13.25 -12.39
C PHE B 4 -1.33 -12.45 -11.43
N VAL B 5 -0.36 -11.72 -11.98
CA VAL B 5 0.46 -10.84 -11.15
C VAL B 5 0.42 -9.45 -11.75
N LYS B 6 -0.02 -8.46 -10.95
CA LYS B 6 0.07 -7.07 -11.43
C LYS B 6 1.48 -6.58 -11.18
N THR B 7 2.22 -6.25 -12.26
CA THR B 7 3.64 -5.97 -12.16
C THR B 7 3.85 -4.47 -11.91
N LEU B 8 5.11 -4.08 -11.94
CA LEU B 8 5.48 -2.75 -11.43
C LEU B 8 4.86 -1.61 -12.22
N THR B 9 4.61 -1.81 -13.50
CA THR B 9 4.01 -0.76 -14.34
C THR B 9 2.49 -0.85 -14.34
N GLY B 10 1.93 -1.84 -13.66
CA GLY B 10 0.50 -2.13 -13.72
C GLY B 10 0.13 -3.19 -14.74
N LYS B 11 1.03 -3.55 -15.65
CA LYS B 11 0.74 -4.62 -16.57
C LYS B 11 0.54 -5.90 -15.80
N THR B 12 -0.48 -6.69 -16.18
CA THR B 12 -0.76 -7.91 -15.44
C THR B 12 -0.29 -9.11 -16.26
N ILE B 13 0.61 -9.91 -15.68
CA ILE B 13 1.12 -11.08 -16.36
C ILE B 13 0.40 -12.30 -15.83
N THR B 14 0.52 -13.39 -16.57
CA THR B 14 -0.11 -14.66 -16.22
C THR B 14 0.95 -15.74 -16.00
N LEU B 15 0.86 -16.41 -14.85
CA LEU B 15 1.78 -17.47 -14.49
C LEU B 15 1.08 -18.81 -14.50
N GLU B 16 1.84 -19.84 -14.85
CA GLU B 16 1.37 -21.23 -14.79
C GLU B 16 1.94 -21.82 -13.51
N VAL B 17 1.07 -22.23 -12.58
CA VAL B 17 1.50 -22.63 -11.25
C VAL B 17 0.63 -23.80 -10.79
N GLU B 18 1.05 -24.42 -9.71
CA GLU B 18 0.25 -25.42 -9.01
C GLU B 18 0.01 -24.95 -7.58
N PRO B 19 -1.07 -25.39 -6.93
CA PRO B 19 -1.29 -24.97 -5.54
C PRO B 19 -0.15 -25.33 -4.61
N SER B 20 0.58 -26.41 -4.90
CA SER B 20 1.75 -26.78 -4.10
C SER B 20 2.99 -25.95 -4.40
N ASP B 21 2.94 -25.02 -5.35
CA ASP B 21 4.13 -24.22 -5.62
C ASP B 21 4.46 -23.37 -4.40
N THR B 22 5.76 -23.28 -4.08
CA THR B 22 6.18 -22.38 -3.02
C THR B 22 6.24 -20.95 -3.52
N ILE B 23 6.24 -20.01 -2.57
CA ILE B 23 6.38 -18.62 -2.96
C ILE B 23 7.68 -18.40 -3.74
N GLU B 24 8.75 -19.12 -3.36
CA GLU B 24 10.02 -18.97 -4.07
C GLU B 24 9.90 -19.40 -5.52
N ASN B 25 9.24 -20.54 -5.75
CA ASN B 25 8.95 -20.98 -7.11
C ASN B 25 8.16 -19.92 -7.88
N VAL B 26 7.17 -19.29 -7.24
CA VAL B 26 6.40 -18.26 -7.93
C VAL B 26 7.28 -17.05 -8.25
N LYS B 27 8.13 -16.63 -7.31
CA LYS B 27 9.01 -15.51 -7.60
C LYS B 27 9.98 -15.85 -8.74
N ALA B 28 10.45 -17.10 -8.81
CA ALA B 28 11.32 -17.48 -9.92
C ALA B 28 10.60 -17.33 -11.24
N LYS B 29 9.32 -17.71 -11.27
CA LYS B 29 8.55 -17.56 -12.48
C LYS B 29 8.35 -16.09 -12.82
N ILE B 30 8.14 -15.25 -11.79
CA ILE B 30 8.08 -13.81 -12.06
C ILE B 30 9.43 -13.32 -12.59
N GLN B 31 10.53 -13.83 -12.03
CA GLN B 31 11.86 -13.42 -12.52
C GLN B 31 12.05 -13.80 -13.98
N ASP B 32 11.53 -14.96 -14.39
CA ASP B 32 11.65 -15.38 -15.78
C ASP B 32 10.99 -14.39 -16.72
N LYS B 33 9.87 -13.77 -16.31
CA LYS B 33 9.11 -12.87 -17.15
C LYS B 33 9.56 -11.42 -17.02
N GLU B 34 9.88 -10.97 -15.80
CA GLU B 34 10.12 -9.56 -15.54
C GLU B 34 11.59 -9.24 -15.26
N GLY B 35 12.40 -10.23 -14.95
CA GLY B 35 13.80 -9.95 -14.72
C GLY B 35 14.16 -9.51 -13.33
N ILE B 36 13.23 -9.54 -12.39
CA ILE B 36 13.42 -8.99 -11.04
C ILE B 36 13.88 -10.13 -10.14
N PRO B 37 15.03 -10.02 -9.46
CA PRO B 37 15.48 -11.11 -8.57
C PRO B 37 14.46 -11.38 -7.48
N PRO B 38 14.30 -12.65 -7.08
CA PRO B 38 13.29 -12.97 -6.07
C PRO B 38 13.50 -12.26 -4.72
N ASP B 39 14.76 -12.04 -4.31
CA ASP B 39 14.97 -11.32 -3.05
C ASP B 39 14.62 -9.84 -3.12
N GLN B 40 14.20 -9.31 -4.27
CA GLN B 40 13.77 -7.93 -4.40
C GLN B 40 12.27 -7.83 -4.56
N GLN B 41 11.58 -8.95 -4.65
CA GLN B 41 10.14 -8.95 -4.93
C GLN B 41 9.37 -8.98 -3.63
N ARG B 42 8.36 -8.13 -3.54
CA ARG B 42 7.33 -8.22 -2.50
C ARG B 42 6.03 -8.58 -3.21
N LEU B 43 5.49 -9.75 -2.90
CA LEU B 43 4.23 -10.22 -3.49
C LEU B 43 3.14 -10.10 -2.46
N ILE B 44 2.00 -9.51 -2.85
CA ILE B 44 0.89 -9.26 -1.91
C ILE B 44 -0.36 -9.91 -2.47
N PHE B 45 -1.08 -10.63 -1.63
CA PHE B 45 -2.38 -11.21 -1.96
C PHE B 45 -3.34 -10.84 -0.86
N ALA B 46 -4.45 -10.22 -1.22
CA ALA B 46 -5.49 -9.82 -0.26
C ALA B 46 -4.89 -9.04 0.92
N GLY B 47 -3.90 -8.23 0.63
CA GLY B 47 -3.25 -7.38 1.62
C GLY B 47 -2.12 -8.02 2.40
N LYS B 48 -1.92 -9.31 2.27
CA LYS B 48 -0.91 -10.06 3.03
C LYS B 48 0.31 -10.26 2.14
N GLN B 49 1.50 -9.92 2.65
CA GLN B 49 2.71 -10.20 1.89
C GLN B 49 3.09 -11.69 2.02
N LEU B 50 3.34 -12.34 0.88
CA LEU B 50 3.61 -13.77 0.87
C LEU B 50 5.01 -14.05 1.33
N GLU B 51 5.20 -15.12 2.12
CA GLU B 51 6.50 -15.46 2.70
C GLU B 51 7.10 -16.67 1.99
N ASP B 52 8.39 -16.61 1.72
CA ASP B 52 9.12 -17.78 1.25
C ASP B 52 8.95 -18.94 2.23
N GLY B 53 8.93 -20.16 1.68
CA GLY B 53 8.76 -21.35 2.46
C GLY B 53 7.34 -21.83 2.59
N ARG B 54 6.36 -21.00 2.25
CA ARG B 54 4.97 -21.38 2.20
C ARG B 54 4.56 -21.63 0.76
N THR B 55 3.38 -22.21 0.58
CA THR B 55 2.83 -22.51 -0.73
C THR B 55 1.64 -21.63 -1.04
N LEU B 56 1.30 -21.56 -2.34
CA LEU B 56 0.07 -20.86 -2.72
C LEU B 56 -1.14 -21.36 -1.94
N SER B 57 -1.22 -22.67 -1.70
CA SER B 57 -2.37 -23.21 -1.00
C SER B 57 -2.44 -22.75 0.45
N ASP B 58 -1.28 -22.55 1.11
CA ASP B 58 -1.26 -21.96 2.44
C ASP B 58 -2.01 -20.64 2.53
N TYR B 59 -2.03 -19.87 1.45
CA TYR B 59 -2.70 -18.57 1.39
C TYR B 59 -4.07 -18.65 0.75
N ASN B 60 -4.54 -19.85 0.43
CA ASN B 60 -5.82 -20.03 -0.28
C ASN B 60 -5.81 -19.28 -1.61
N ILE B 61 -4.67 -19.27 -2.27
CA ILE B 61 -4.56 -18.67 -3.60
C ILE B 61 -5.06 -19.72 -4.59
N GLN B 62 -6.14 -19.41 -5.31
CA GLN B 62 -6.80 -20.37 -6.19
C GLN B 62 -6.64 -19.99 -7.65
N LYS B 63 -7.25 -20.79 -8.52
CA LYS B 63 -7.28 -20.48 -9.96
C LYS B 63 -7.69 -19.03 -10.20
N GLU B 64 -6.86 -18.31 -10.94
CA GLU B 64 -7.18 -16.97 -11.45
C GLU B 64 -7.23 -15.92 -10.33
N SER B 65 -6.61 -16.22 -9.18
CA SER B 65 -6.32 -15.22 -8.17
C SER B 65 -5.32 -14.21 -8.74
N THR B 66 -5.31 -13.00 -8.17
CA THR B 66 -4.43 -11.92 -8.58
C THR B 66 -3.52 -11.54 -7.41
N LEU B 67 -2.21 -11.53 -7.66
CA LEU B 67 -1.19 -11.03 -6.75
C LEU B 67 -0.74 -9.65 -7.24
N HIS B 68 -0.25 -8.83 -6.33
CA HIS B 68 0.39 -7.57 -6.68
C HIS B 68 1.87 -7.64 -6.37
N LEU B 69 2.70 -7.14 -7.27
CA LEU B 69 4.16 -7.13 -7.10
C LEU B 69 4.59 -5.69 -6.86
N VAL B 70 5.36 -5.45 -5.80
CA VAL B 70 6.03 -4.15 -5.60
C VAL B 70 7.45 -4.42 -5.17
N LEU B 71 8.32 -3.43 -5.33
CA LEU B 71 9.70 -3.60 -4.83
C LEU B 71 9.77 -3.07 -3.39
N ARG B 72 10.96 -3.20 -2.80
CA ARG B 72 11.25 -2.81 -1.41
C ARG B 72 12.12 -1.55 -1.38
N LEU B 73 11.53 -0.43 -0.96
CA LEU B 73 12.24 0.86 -0.90
C LEU B 73 12.61 1.14 0.56
N ARG B 74 13.89 0.97 0.90
CA ARG B 74 14.30 0.95 2.31
C ARG B 74 14.71 2.34 2.73
N GLY B 75 14.53 2.62 4.02
CA GLY B 75 15.06 3.85 4.60
C GLY B 75 15.21 3.65 6.10
C2 AYE C . 15.87 5.76 8.80
C3 AYE C . 16.47 6.40 9.82
C1 AYE C . 16.39 4.53 8.09
N1 AYE C . 16.13 4.57 6.62
#